data_7Z4V
#
_entry.id   7Z4V
#
_cell.length_a   126.2
_cell.length_b   46.413
_cell.length_c   57.954
_cell.angle_alpha   90
_cell.angle_beta   90.56
_cell.angle_gamma   90
#
_symmetry.space_group_name_H-M   'C 1 2 1'
#
loop_
_entity.id
_entity.type
_entity.pdbx_description
1 polymer 'Serine/threonine-protein kinase 25'
2 non-polymer ~{N}-(5-~{tert}-butyl-1~{H}-pyrazol-3-yl)-4-pyrrolidin-1-ylsulfonyl-benzamide
3 non-polymer 1,2-ETHANEDIOL
4 water water
#
_entity_poly.entity_id   1
_entity_poly.type   'polypeptide(L)'
_entity_poly.pdbx_seq_one_letter_code
;GSMAHLRGFANQHSRVDPEELFTKLDRIGKGSFGEVYKGIDNHTKEVVAIKIIDLEEAEDEIEDIQQEITVLSQCDSPYI
TRYFGSYLKSTKLWIIMEYLGGGSALDLLKPGPLEETYIATILREILKGLDYLHSERKIHRDIKAANVLLSEQGDVKLAD
FGVAGQLTDTQIKRN(TPO)FVGTPFWMAPEVIKQSAYDFKADIWSLGITAIELAKGEPPNSDLHPMRVLFLIPKNSPPT
LEGQHSKPFKEFVEACLNKDPRFRPTAKELLKHKFITRYTKKTSFLTELIDRYKRWKSEGS
;
_entity_poly.pdbx_strand_id   A
#
loop_
_chem_comp.id
_chem_comp.type
_chem_comp.name
_chem_comp.formula
EDO non-polymer 1,2-ETHANEDIOL 'C2 H6 O2'
IB5 non-polymer ~{N}-(5-~{tert}-butyl-1~{H}-pyrazol-3-yl)-4-pyrrolidin-1-ylsulfonyl-benzamide 'C18 H24 N4 O3 S'
#
# COMPACT_ATOMS: atom_id res chain seq x y z
N HIS A 5 -1.53 21.42 -20.69
CA HIS A 5 -0.29 21.72 -21.38
C HIS A 5 0.96 21.11 -20.74
N LEU A 6 0.81 20.56 -19.52
CA LEU A 6 1.89 19.89 -18.78
C LEU A 6 3.15 20.76 -18.62
N ARG A 7 2.97 22.06 -18.33
CA ARG A 7 4.09 22.96 -18.15
C ARG A 7 4.80 22.58 -16.84
N GLY A 8 6.12 22.38 -16.90
CA GLY A 8 6.95 22.01 -15.76
C GLY A 8 7.01 20.52 -15.49
N PHE A 9 6.19 19.71 -16.18
CA PHE A 9 6.18 18.27 -15.98
C PHE A 9 7.49 17.60 -16.42
N ALA A 10 7.94 17.92 -17.65
CA ALA A 10 9.16 17.29 -18.16
C ALA A 10 10.41 17.70 -17.39
N ASN A 11 10.40 18.92 -16.81
CA ASN A 11 11.49 19.53 -16.06
C ASN A 11 11.94 18.65 -14.89
N GLN A 12 10.97 18.00 -14.23
CA GLN A 12 11.18 17.12 -13.08
C GLN A 12 11.84 15.79 -13.38
N HIS A 13 11.84 15.39 -14.64
CA HIS A 13 12.38 14.10 -15.05
C HIS A 13 13.65 14.22 -15.86
N SER A 14 14.43 13.14 -15.95
CA SER A 14 15.62 13.13 -16.78
C SER A 14 15.17 12.85 -18.22
N ARG A 15 15.67 13.63 -19.18
CA ARG A 15 15.24 13.45 -20.57
C ARG A 15 16.25 12.67 -21.40
N VAL A 16 16.97 11.74 -20.76
CA VAL A 16 17.88 10.83 -21.45
C VAL A 16 17.11 9.53 -21.76
N ASP A 17 17.58 8.76 -22.74
CA ASP A 17 16.90 7.52 -23.11
C ASP A 17 17.09 6.51 -21.99
N PRO A 18 16.01 6.13 -21.27
CA PRO A 18 16.16 5.16 -20.17
C PRO A 18 16.61 3.78 -20.67
N GLU A 19 16.33 3.43 -21.94
CA GLU A 19 16.80 2.16 -22.53
C GLU A 19 18.34 2.08 -22.60
N GLU A 20 19.04 3.22 -22.53
CA GLU A 20 20.50 3.30 -22.51
C GLU A 20 21.10 3.12 -21.11
N LEU A 21 20.27 3.25 -20.06
CA LEU A 21 20.72 3.18 -18.68
C LEU A 21 20.21 1.93 -17.96
N PHE A 22 19.09 1.35 -18.41
CA PHE A 22 18.50 0.21 -17.73
C PHE A 22 18.20 -0.93 -18.68
N THR A 23 18.19 -2.15 -18.15
CA THR A 23 17.86 -3.32 -18.96
C THR A 23 16.54 -3.84 -18.44
N LYS A 24 15.48 -3.64 -19.23
CA LYS A 24 14.14 -4.07 -18.90
C LYS A 24 14.13 -5.57 -19.02
N LEU A 25 13.88 -6.28 -17.90
CA LEU A 25 13.90 -7.74 -17.88
C LEU A 25 12.45 -8.36 -17.88
N ASP A 26 12.08 -9.06 -16.80
CA ASP A 26 10.80 -9.75 -16.67
C ASP A 26 9.65 -8.81 -16.30
N ARG A 27 8.48 -8.99 -16.93
CA ARG A 27 7.29 -8.22 -16.59
C ARG A 27 6.65 -8.81 -15.34
N ILE A 28 6.17 -7.95 -14.45
CA ILE A 28 5.49 -8.39 -13.23
C ILE A 28 3.96 -8.28 -13.39
N GLY A 29 3.48 -7.11 -13.75
CA GLY A 29 2.06 -6.89 -13.96
C GLY A 29 1.73 -5.47 -14.33
N SER A 32 -0.42 1.02 -10.17
CA SER A 32 -1.35 1.85 -10.92
C SER A 32 -0.63 2.59 -12.08
N PHE A 33 -1.42 3.07 -13.07
CA PHE A 33 -1.01 3.87 -14.23
C PHE A 33 -0.24 3.14 -15.35
N GLY A 34 0.34 1.97 -15.05
CA GLY A 34 1.10 1.25 -16.06
C GLY A 34 1.73 -0.04 -15.60
N GLU A 35 2.55 -0.64 -16.50
CA GLU A 35 3.23 -1.92 -16.32
C GLU A 35 4.48 -1.83 -15.47
N VAL A 36 4.78 -2.89 -14.70
CA VAL A 36 5.95 -2.95 -13.84
C VAL A 36 6.90 -4.05 -14.32
N TYR A 37 8.21 -3.77 -14.36
CA TYR A 37 9.21 -4.73 -14.78
C TYR A 37 10.34 -4.86 -13.76
N LYS A 38 10.92 -6.06 -13.61
CA LYS A 38 12.11 -6.21 -12.79
C LYS A 38 13.23 -5.85 -13.76
N GLY A 39 14.02 -4.84 -13.42
CA GLY A 39 15.09 -4.39 -14.29
C GLY A 39 16.43 -4.30 -13.58
N ILE A 40 17.45 -3.87 -14.32
CA ILE A 40 18.79 -3.74 -13.75
C ILE A 40 19.46 -2.46 -14.25
N ASP A 41 20.17 -1.77 -13.35
CA ASP A 41 20.92 -0.58 -13.73
C ASP A 41 22.15 -1.10 -14.49
N ASN A 42 22.35 -0.63 -15.72
CA ASN A 42 23.45 -1.11 -16.56
C ASN A 42 24.83 -0.74 -16.01
N HIS A 43 24.91 0.36 -15.25
CA HIS A 43 26.19 0.81 -14.70
C HIS A 43 26.49 0.23 -13.31
N THR A 44 25.52 0.26 -12.39
CA THR A 44 25.76 -0.22 -11.03
C THR A 44 25.39 -1.68 -10.81
N LYS A 45 24.69 -2.33 -11.76
CA LYS A 45 24.26 -3.73 -11.67
C LYS A 45 23.20 -4.02 -10.59
N GLU A 46 22.65 -2.95 -9.95
CA GLU A 46 21.60 -3.06 -8.93
C GLU A 46 20.27 -3.44 -9.58
N VAL A 47 19.54 -4.37 -8.97
CA VAL A 47 18.22 -4.77 -9.46
C VAL A 47 17.21 -3.73 -8.98
N VAL A 48 16.34 -3.25 -9.89
CA VAL A 48 15.33 -2.24 -9.61
C VAL A 48 13.95 -2.68 -10.16
N ALA A 49 12.89 -1.99 -9.76
CA ALA A 49 11.56 -2.19 -10.32
C ALA A 49 11.36 -0.96 -11.24
N ILE A 50 10.84 -1.17 -12.42
CA ILE A 50 10.66 -0.10 -13.40
C ILE A 50 9.22 -0.03 -13.73
N LYS A 51 8.53 1.07 -13.38
CA LYS A 51 7.15 1.24 -13.78
C LYS A 51 7.15 2.10 -15.03
N ILE A 52 6.51 1.64 -16.09
CA ILE A 52 6.44 2.38 -17.33
C ILE A 52 5.01 2.78 -17.53
N ILE A 53 4.80 4.09 -17.62
CA ILE A 53 3.50 4.67 -17.80
C ILE A 53 3.44 5.29 -19.17
N ASP A 54 2.33 5.06 -19.89
CA ASP A 54 2.06 5.66 -21.19
C ASP A 54 1.22 6.90 -20.82
N LEU A 55 1.82 8.08 -20.92
CA LEU A 55 1.18 9.34 -20.57
C LEU A 55 -0.03 9.67 -21.49
N GLU A 56 -0.12 9.05 -22.68
CA GLU A 56 -1.28 9.26 -23.55
C GLU A 56 -2.44 8.38 -23.07
N GLU A 57 -2.16 7.13 -22.72
CA GLU A 57 -3.18 6.22 -22.23
C GLU A 57 -3.68 6.68 -20.86
N ALA A 58 -2.76 7.12 -19.99
CA ALA A 58 -3.10 7.59 -18.65
C ALA A 58 -3.24 9.11 -18.58
N GLU A 59 -3.67 9.74 -19.69
CA GLU A 59 -3.84 11.18 -19.82
C GLU A 59 -4.70 11.81 -18.74
N ASP A 60 -5.85 11.21 -18.46
CA ASP A 60 -6.77 11.75 -17.46
C ASP A 60 -6.28 11.61 -16.01
N GLU A 61 -5.22 10.82 -15.78
CA GLU A 61 -4.69 10.63 -14.43
C GLU A 61 -3.34 11.33 -14.21
N ILE A 62 -2.98 12.29 -15.07
CA ILE A 62 -1.68 12.95 -14.97
C ILE A 62 -1.44 13.62 -13.59
N GLU A 63 -2.48 14.23 -13.01
CA GLU A 63 -2.40 14.87 -11.69
C GLU A 63 -2.05 13.84 -10.62
N ASP A 64 -2.61 12.63 -10.73
CA ASP A 64 -2.34 11.54 -9.79
C ASP A 64 -0.94 10.95 -9.98
N ILE A 65 -0.45 10.91 -11.24
CA ILE A 65 0.89 10.40 -11.53
C ILE A 65 1.92 11.33 -10.88
N GLN A 66 1.72 12.65 -11.05
CA GLN A 66 2.56 13.70 -10.49
C GLN A 66 2.54 13.64 -8.94
N GLN A 67 1.34 13.49 -8.34
CA GLN A 67 1.20 13.39 -6.89
C GLN A 67 1.99 12.20 -6.35
N GLU A 68 1.93 11.06 -7.07
CA GLU A 68 2.71 9.89 -6.67
C GLU A 68 4.22 10.17 -6.65
N ILE A 69 4.78 10.77 -7.71
CA ILE A 69 6.23 11.04 -7.73
C ILE A 69 6.61 12.10 -6.66
N THR A 70 5.78 13.12 -6.48
CA THR A 70 6.03 14.13 -5.44
C THR A 70 6.08 13.49 -4.04
N VAL A 71 5.09 12.67 -3.71
CA VAL A 71 5.00 11.99 -2.42
C VAL A 71 6.16 11.01 -2.23
N LEU A 72 6.44 10.16 -3.24
CA LEU A 72 7.54 9.22 -3.16
C LEU A 72 8.88 9.94 -2.98
N SER A 73 9.10 11.06 -3.69
CA SER A 73 10.35 11.80 -3.56
C SER A 73 10.56 12.39 -2.16
N GLN A 74 9.48 12.75 -1.47
CA GLN A 74 9.55 13.32 -0.13
C GLN A 74 9.58 12.29 1.00
N CYS A 75 9.59 10.98 0.67
CA CYS A 75 9.64 9.94 1.70
C CYS A 75 11.04 9.37 1.77
N ASP A 76 11.52 9.16 2.98
CA ASP A 76 12.81 8.57 3.22
C ASP A 76 12.66 7.67 4.43
N SER A 77 12.26 6.44 4.18
CA SER A 77 11.99 5.49 5.23
C SER A 77 12.18 4.08 4.71
N PRO A 78 12.69 3.17 5.55
CA PRO A 78 12.81 1.77 5.14
C PRO A 78 11.46 1.05 5.00
N TYR A 79 10.36 1.65 5.45
CA TYR A 79 9.03 1.03 5.36
C TYR A 79 8.21 1.54 4.15
N ILE A 80 8.75 2.48 3.37
CA ILE A 80 8.08 3.08 2.19
C ILE A 80 8.94 2.75 0.96
N THR A 81 8.33 2.24 -0.15
CA THR A 81 9.07 1.91 -1.39
C THR A 81 9.92 3.09 -1.84
N ARG A 82 11.24 2.89 -2.03
CA ARG A 82 12.11 4.00 -2.43
C ARG A 82 11.98 4.37 -3.89
N TYR A 83 12.05 5.67 -4.20
CA TYR A 83 12.00 6.22 -5.54
C TYR A 83 13.44 6.65 -5.93
N PHE A 84 14.02 6.00 -6.97
CA PHE A 84 15.38 6.29 -7.42
C PHE A 84 15.49 7.43 -8.45
N GLY A 85 14.41 7.63 -9.20
CA GLY A 85 14.40 8.67 -10.22
C GLY A 85 13.47 8.32 -11.36
N SER A 86 13.29 9.26 -12.30
CA SER A 86 12.39 9.04 -13.42
C SER A 86 12.89 9.62 -14.72
N TYR A 87 12.57 8.92 -15.81
CA TYR A 87 13.04 9.23 -17.14
C TYR A 87 11.89 9.40 -18.11
N LEU A 88 11.97 10.43 -18.92
CA LEU A 88 10.93 10.72 -19.89
C LEU A 88 11.46 10.53 -21.31
N LYS A 89 10.81 9.62 -22.06
CA LYS A 89 11.13 9.30 -23.44
C LYS A 89 9.83 9.40 -24.24
N SER A 90 9.61 10.59 -24.85
CA SER A 90 8.43 10.93 -25.59
C SER A 90 7.20 10.84 -24.64
N THR A 91 6.14 10.06 -24.97
CA THR A 91 4.99 9.93 -24.08
C THR A 91 5.18 8.80 -23.04
N LYS A 92 6.36 8.15 -22.98
CA LYS A 92 6.60 7.08 -21.98
C LYS A 92 7.40 7.59 -20.79
N LEU A 93 6.91 7.38 -19.58
CA LEU A 93 7.59 7.78 -18.37
C LEU A 93 8.02 6.52 -17.63
N TRP A 94 9.31 6.40 -17.36
CA TRP A 94 9.87 5.27 -16.66
C TRP A 94 10.21 5.73 -15.26
N ILE A 95 9.68 5.05 -14.25
CA ILE A 95 9.95 5.42 -12.86
C ILE A 95 10.70 4.30 -12.25
N ILE A 96 11.90 4.60 -11.79
CA ILE A 96 12.80 3.62 -11.23
C ILE A 96 12.51 3.58 -9.74
N MET A 97 12.17 2.40 -9.29
CA MET A 97 11.74 2.10 -7.95
CA MET A 97 11.79 2.19 -7.90
C MET A 97 12.49 1.01 -7.26
N GLU A 98 12.34 0.87 -5.96
CA GLU A 98 12.92 -0.21 -5.19
C GLU A 98 12.27 -1.54 -5.63
N TYR A 99 13.08 -2.55 -5.92
CA TYR A 99 12.59 -3.88 -6.30
C TYR A 99 12.27 -4.69 -5.04
N LEU A 100 11.05 -5.21 -4.94
CA LEU A 100 10.65 -6.04 -3.80
C LEU A 100 10.24 -7.41 -4.31
N GLY A 101 11.21 -8.32 -4.26
CA GLY A 101 11.13 -9.66 -4.81
C GLY A 101 10.25 -10.69 -4.14
N GLY A 102 9.68 -10.33 -2.99
CA GLY A 102 8.77 -11.20 -2.25
C GLY A 102 7.32 -11.08 -2.68
N GLY A 103 7.03 -10.13 -3.58
CA GLY A 103 5.68 -9.90 -4.06
C GLY A 103 4.84 -9.15 -3.03
N SER A 104 3.53 -9.24 -3.14
CA SER A 104 2.65 -8.56 -2.20
C SER A 104 2.10 -9.52 -1.15
N ALA A 105 1.50 -9.00 -0.07
CA ALA A 105 0.85 -9.84 0.94
C ALA A 105 -0.33 -10.59 0.29
N LEU A 106 -1.00 -9.97 -0.71
CA LEU A 106 -2.10 -10.59 -1.44
C LEU A 106 -1.58 -11.79 -2.23
N ASP A 107 -0.39 -11.67 -2.84
CA ASP A 107 0.22 -12.78 -3.59
C ASP A 107 0.54 -13.91 -2.61
N LEU A 108 1.13 -13.59 -1.46
CA LEU A 108 1.52 -14.60 -0.45
C LEU A 108 0.33 -15.31 0.21
N LEU A 109 -0.90 -14.84 -0.03
CA LEU A 109 -2.14 -15.43 0.46
C LEU A 109 -2.68 -16.49 -0.53
N LYS A 110 -2.24 -16.47 -1.81
CA LYS A 110 -2.69 -17.42 -2.83
C LYS A 110 -2.55 -18.91 -2.42
N PRO A 111 -1.43 -19.35 -1.80
CA PRO A 111 -1.32 -20.76 -1.41
C PRO A 111 -2.32 -21.23 -0.35
N GLY A 112 -2.67 -20.35 0.57
CA GLY A 112 -3.60 -20.71 1.64
C GLY A 112 -3.62 -19.75 2.81
N PRO A 113 -4.28 -20.18 3.89
CA PRO A 113 -4.42 -19.31 5.07
C PRO A 113 -3.12 -18.85 5.71
N LEU A 114 -3.15 -17.67 6.30
CA LEU A 114 -1.98 -17.10 6.96
C LEU A 114 -2.10 -17.32 8.45
N GLU A 115 -1.03 -17.77 9.09
CA GLU A 115 -1.03 -17.96 10.54
C GLU A 115 -0.93 -16.59 11.21
N GLU A 116 -1.55 -16.44 12.39
CA GLU A 116 -1.59 -15.16 13.10
C GLU A 116 -0.21 -14.57 13.40
N THR A 117 0.83 -15.41 13.50
CA THR A 117 2.19 -14.90 13.72
C THR A 117 2.64 -14.06 12.50
N TYR A 118 2.33 -14.55 11.29
CA TYR A 118 2.64 -13.90 10.02
C TYR A 118 1.80 -12.63 9.88
N ILE A 119 0.49 -12.74 10.20
CA ILE A 119 -0.44 -11.63 10.15
C ILE A 119 -0.02 -10.47 11.03
N ALA A 120 0.26 -10.73 12.31
CA ALA A 120 0.67 -9.69 13.24
C ALA A 120 2.01 -9.08 12.88
N THR A 121 2.92 -9.87 12.28
CA THR A 121 4.24 -9.35 11.89
C THR A 121 4.07 -8.38 10.72
N ILE A 122 3.19 -8.75 9.77
CA ILE A 122 2.91 -7.91 8.60
C ILE A 122 2.23 -6.63 9.07
N LEU A 123 1.21 -6.76 9.93
CA LEU A 123 0.53 -5.59 10.49
C LEU A 123 1.47 -4.67 11.24
N ARG A 124 2.38 -5.21 12.06
CA ARG A 124 3.37 -4.36 12.76
C ARG A 124 4.23 -3.54 11.77
N GLU A 125 4.64 -4.15 10.66
CA GLU A 125 5.43 -3.44 9.66
C GLU A 125 4.61 -2.37 8.94
N ILE A 126 3.32 -2.67 8.61
CA ILE A 126 2.43 -1.67 8.00
C ILE A 126 2.24 -0.48 8.97
N LEU A 127 2.12 -0.77 10.28
CA LEU A 127 1.96 0.28 11.27
C LEU A 127 3.17 1.20 11.37
N LYS A 128 4.37 0.67 11.16
CA LYS A 128 5.58 1.51 11.17
C LYS A 128 5.57 2.46 9.96
N GLY A 129 5.16 1.94 8.80
CA GLY A 129 5.02 2.72 7.57
C GLY A 129 4.03 3.84 7.76
N LEU A 130 2.86 3.49 8.33
CA LEU A 130 1.81 4.44 8.64
C LEU A 130 2.25 5.47 9.66
N ASP A 131 2.90 5.06 10.73
CA ASP A 131 3.45 5.99 11.74
C ASP A 131 4.39 7.02 11.08
N TYR A 132 5.26 6.55 10.15
CA TYR A 132 6.14 7.45 9.42
C TYR A 132 5.35 8.40 8.52
N LEU A 133 4.39 7.87 7.70
CA LEU A 133 3.60 8.71 6.81
C LEU A 133 2.81 9.74 7.59
N HIS A 134 2.18 9.33 8.69
CA HIS A 134 1.35 10.21 9.48
C HIS A 134 2.18 11.29 10.18
N SER A 135 3.41 10.97 10.63
CA SER A 135 4.29 12.00 11.22
C SER A 135 4.74 13.05 10.19
N GLU A 136 4.76 12.66 8.90
CA GLU A 136 5.06 13.49 7.74
C GLU A 136 3.83 14.18 7.14
N ARG A 137 2.66 14.08 7.81
CA ARG A 137 1.37 14.67 7.44
C ARG A 137 0.83 14.11 6.10
N LYS A 138 1.17 12.87 5.80
CA LYS A 138 0.73 12.18 4.60
C LYS A 138 -0.30 11.11 4.96
N ILE A 139 -1.26 10.91 4.07
CA ILE A 139 -2.29 9.88 4.26
C ILE A 139 -2.17 8.96 3.02
N HIS A 140 -1.96 7.64 3.21
CA HIS A 140 -1.84 6.71 2.09
C HIS A 140 -3.11 6.70 1.22
N ARG A 141 -4.27 6.46 1.87
CA ARG A 141 -5.61 6.46 1.31
C ARG A 141 -5.93 5.24 0.45
N ASP A 142 -5.00 4.28 0.29
CA ASP A 142 -5.31 3.05 -0.45
C ASP A 142 -4.64 1.83 0.19
N ILE A 143 -4.71 1.73 1.52
CA ILE A 143 -4.14 0.58 2.23
C ILE A 143 -4.96 -0.69 1.96
N LYS A 144 -4.31 -1.73 1.46
CA LYS A 144 -4.86 -3.05 1.15
C LYS A 144 -3.69 -4.00 0.96
N ALA A 145 -3.93 -5.31 1.06
CA ALA A 145 -2.88 -6.30 0.94
C ALA A 145 -2.11 -6.21 -0.39
N ALA A 146 -2.77 -5.76 -1.48
CA ALA A 146 -2.09 -5.59 -2.77
C ALA A 146 -0.95 -4.55 -2.71
N ASN A 147 -1.11 -3.55 -1.84
CA ASN A 147 -0.13 -2.48 -1.69
C ASN A 147 0.86 -2.69 -0.55
N VAL A 148 0.95 -3.89 -0.03
CA VAL A 148 1.89 -4.22 1.04
C VAL A 148 2.86 -5.17 0.38
N LEU A 149 4.11 -4.72 0.16
CA LEU A 149 5.11 -5.51 -0.56
C LEU A 149 6.22 -6.01 0.33
N LEU A 150 6.84 -7.14 -0.05
CA LEU A 150 7.92 -7.70 0.72
C LEU A 150 9.19 -7.79 -0.10
N SER A 151 10.35 -7.59 0.54
CA SER A 151 11.62 -7.83 -0.12
C SER A 151 11.87 -9.36 -0.05
N GLU A 152 12.97 -9.86 -0.67
CA GLU A 152 13.30 -11.27 -0.57
C GLU A 152 13.83 -11.64 0.84
N GLN A 153 14.20 -10.66 1.67
CA GLN A 153 14.59 -10.92 3.07
C GLN A 153 13.37 -10.79 4.05
N GLY A 154 12.18 -10.47 3.54
CA GLY A 154 10.97 -10.37 4.35
C GLY A 154 10.62 -8.97 4.85
N ASP A 155 11.39 -7.95 4.46
CA ASP A 155 11.10 -6.58 4.86
C ASP A 155 9.83 -6.14 4.19
N VAL A 156 8.93 -5.49 4.96
CA VAL A 156 7.62 -5.07 4.49
C VAL A 156 7.63 -3.57 4.22
N LYS A 157 7.11 -3.17 3.05
N LYS A 157 7.09 -3.17 3.06
CA LYS A 157 7.07 -1.78 2.63
CA LYS A 157 7.02 -1.77 2.68
C LYS A 157 5.71 -1.44 2.04
C LYS A 157 5.65 -1.45 2.12
N LEU A 158 5.23 -0.20 2.28
CA LEU A 158 3.96 0.25 1.73
C LEU A 158 4.25 0.75 0.33
N ALA A 159 3.33 0.52 -0.59
CA ALA A 159 3.48 0.86 -2.00
C ALA A 159 2.23 1.53 -2.56
N ASP A 160 2.36 2.22 -3.74
CA ASP A 160 1.27 2.86 -4.47
C ASP A 160 0.75 4.11 -3.80
N PHE A 161 1.38 5.26 -4.11
CA PHE A 161 1.05 6.56 -3.54
C PHE A 161 0.32 7.50 -4.50
N GLY A 162 -0.27 6.95 -5.56
CA GLY A 162 -1.05 7.68 -6.55
C GLY A 162 -2.19 8.49 -6.00
N VAL A 163 -2.85 7.98 -4.94
CA VAL A 163 -3.96 8.73 -4.33
C VAL A 163 -3.62 9.26 -2.95
N ALA A 164 -2.33 9.31 -2.58
CA ALA A 164 -1.90 9.81 -1.27
C ALA A 164 -2.26 11.27 -1.11
N GLY A 165 -2.55 11.63 0.12
CA GLY A 165 -2.96 12.98 0.46
C GLY A 165 -1.92 13.68 1.31
N GLN A 166 -1.90 15.00 1.24
CA GLN A 166 -0.93 15.80 1.99
C GLN A 166 -1.66 16.87 2.79
N LEU A 167 -1.46 16.91 4.11
CA LEU A 167 -2.05 17.96 4.95
C LEU A 167 -0.99 19.06 5.18
N THR A 168 -1.43 20.32 5.20
CA THR A 168 -0.64 21.55 5.40
C THR A 168 -1.45 22.52 6.33
N ASP A 169 -0.96 23.76 6.60
CA ASP A 169 -1.73 24.70 7.45
C ASP A 169 -2.98 25.24 6.73
N THR A 170 -2.91 25.44 5.40
CA THR A 170 -4.09 25.87 4.64
C THR A 170 -5.13 24.73 4.53
N GLN A 171 -4.66 23.45 4.56
CA GLN A 171 -5.48 22.24 4.48
C GLN A 171 -5.19 21.28 5.65
N ILE A 172 -5.88 21.44 6.79
CA ILE A 172 -5.71 20.56 7.97
C ILE A 172 -6.38 19.19 7.76
N LYS A 173 -7.37 19.12 6.84
CA LYS A 173 -8.12 17.90 6.54
C LYS A 173 -8.27 17.69 5.02
N ARG A 174 -8.51 16.44 4.59
CA ARG A 174 -8.78 16.19 3.17
C ARG A 174 -10.27 15.88 3.03
N ASN A 175 -10.82 16.01 1.81
CA ASN A 175 -12.20 15.62 1.58
C ASN A 175 -12.39 14.82 0.28
N TPO A 176 -11.30 14.46 -0.41
CA TPO A 176 -11.39 13.75 -1.69
CB TPO A 176 -10.01 13.80 -2.46
CG2 TPO A 176 -10.16 13.31 -3.93
OG1 TPO A 176 -9.71 15.20 -2.56
P TPO A 176 -8.29 15.65 -2.09
O1P TPO A 176 -7.27 14.99 -2.95
O2P TPO A 176 -8.00 15.19 -0.66
O3P TPO A 176 -8.20 17.14 -2.15
C TPO A 176 -11.91 12.30 -1.56
O TPO A 176 -11.46 11.53 -0.70
N PHE A 177 -12.83 11.94 -2.43
CA PHE A 177 -13.38 10.59 -2.49
C PHE A 177 -12.34 9.79 -3.30
N VAL A 178 -11.46 9.02 -2.58
CA VAL A 178 -10.40 8.16 -3.15
C VAL A 178 -10.28 6.84 -2.37
N GLY A 179 -9.75 5.81 -3.04
CA GLY A 179 -9.54 4.52 -2.43
C GLY A 179 -10.18 3.39 -3.21
N THR A 180 -10.12 2.19 -2.65
CA THR A 180 -10.72 1.00 -3.25
C THR A 180 -11.94 0.68 -2.37
N PRO A 181 -13.16 0.65 -2.99
CA PRO A 181 -14.40 0.58 -2.20
C PRO A 181 -14.42 -0.31 -0.95
N PHE A 182 -14.06 -1.59 -1.01
CA PHE A 182 -14.12 -2.47 0.17
C PHE A 182 -13.34 -2.00 1.39
N TRP A 183 -12.25 -1.22 1.16
CA TRP A 183 -11.32 -0.73 2.17
C TRP A 183 -11.54 0.73 2.60
N MET A 184 -12.40 1.47 1.88
CA MET A 184 -12.62 2.88 2.13
C MET A 184 -13.35 3.17 3.46
N ALA A 185 -12.89 4.23 4.14
CA ALA A 185 -13.44 4.68 5.42
C ALA A 185 -14.76 5.33 5.20
N PRO A 186 -15.71 5.15 6.15
CA PRO A 186 -17.03 5.81 6.00
C PRO A 186 -16.95 7.33 5.79
N GLU A 187 -16.04 8.01 6.52
CA GLU A 187 -15.89 9.47 6.37
C GLU A 187 -15.31 9.84 5.00
N VAL A 188 -14.47 8.96 4.37
CA VAL A 188 -13.95 9.23 3.02
C VAL A 188 -15.10 9.10 1.99
N ILE A 189 -15.88 8.01 2.09
CA ILE A 189 -17.05 7.82 1.22
C ILE A 189 -18.02 9.00 1.24
N LYS A 190 -18.26 9.54 2.45
CA LYS A 190 -19.13 10.71 2.61
C LYS A 190 -18.49 12.05 2.23
N GLN A 191 -17.18 12.08 2.00
CA GLN A 191 -16.45 13.32 1.71
C GLN A 191 -16.54 14.32 2.87
N SER A 192 -16.54 13.79 4.09
CA SER A 192 -16.45 14.60 5.30
C SER A 192 -14.98 14.97 5.38
N ALA A 193 -14.62 15.98 6.16
CA ALA A 193 -13.23 16.36 6.36
C ALA A 193 -12.60 15.24 7.20
N TYR A 194 -11.60 14.56 6.63
CA TYR A 194 -10.97 13.42 7.28
C TYR A 194 -9.46 13.60 7.38
N ASP A 195 -8.81 12.72 8.12
CA ASP A 195 -7.36 12.78 8.28
C ASP A 195 -6.80 11.32 8.27
N PHE A 196 -5.67 11.10 8.96
CA PHE A 196 -4.95 9.83 9.10
C PHE A 196 -5.78 8.66 9.54
N LYS A 197 -6.82 8.90 10.35
CA LYS A 197 -7.71 7.85 10.84
C LYS A 197 -8.36 7.05 9.70
N ALA A 198 -8.42 7.60 8.48
CA ALA A 198 -8.93 6.90 7.30
C ALA A 198 -8.06 5.68 7.02
N ASP A 199 -6.72 5.82 7.18
CA ASP A 199 -5.78 4.70 6.96
C ASP A 199 -5.91 3.62 8.04
N ILE A 200 -6.28 4.02 9.26
CA ILE A 200 -6.45 3.07 10.38
C ILE A 200 -7.65 2.16 10.09
N TRP A 201 -8.72 2.71 9.52
CA TRP A 201 -9.90 1.92 9.12
C TRP A 201 -9.45 0.96 8.00
N SER A 202 -8.78 1.48 6.93
CA SER A 202 -8.28 0.63 5.84
C SER A 202 -7.41 -0.49 6.34
N LEU A 203 -6.59 -0.20 7.38
CA LEU A 203 -5.77 -1.21 8.01
C LEU A 203 -6.61 -2.31 8.64
N GLY A 204 -7.69 -1.96 9.34
CA GLY A 204 -8.61 -2.94 9.89
C GLY A 204 -9.24 -3.84 8.84
N ILE A 205 -9.63 -3.28 7.67
CA ILE A 205 -10.16 -4.07 6.57
C ILE A 205 -9.11 -5.01 6.05
N THR A 206 -7.86 -4.52 5.92
CA THR A 206 -6.69 -5.28 5.46
C THR A 206 -6.38 -6.41 6.46
N ALA A 207 -6.56 -6.17 7.76
CA ALA A 207 -6.32 -7.22 8.78
C ALA A 207 -7.30 -8.38 8.56
N ILE A 208 -8.58 -8.07 8.24
CA ILE A 208 -9.56 -9.11 7.93
C ILE A 208 -9.17 -9.81 6.63
N GLU A 209 -8.78 -9.04 5.63
CA GLU A 209 -8.33 -9.56 4.33
C GLU A 209 -7.16 -10.55 4.51
N LEU A 210 -6.20 -10.26 5.40
CA LEU A 210 -5.07 -11.15 5.67
C LEU A 210 -5.47 -12.46 6.31
N ALA A 211 -6.56 -12.45 7.09
CA ALA A 211 -7.09 -13.64 7.75
C ALA A 211 -8.07 -14.42 6.87
N LYS A 212 -8.74 -13.77 5.90
CA LYS A 212 -9.74 -14.43 5.08
C LYS A 212 -9.39 -14.61 3.61
N GLY A 213 -8.34 -13.94 3.15
CA GLY A 213 -7.95 -14.00 1.74
C GLY A 213 -8.69 -13.01 0.86
N GLU A 214 -9.71 -12.36 1.41
CA GLU A 214 -10.51 -11.35 0.74
C GLU A 214 -11.07 -10.39 1.81
N PRO A 215 -11.34 -9.11 1.45
CA PRO A 215 -11.84 -8.17 2.46
C PRO A 215 -13.26 -8.53 2.90
N PRO A 216 -13.77 -7.97 4.03
CA PRO A 216 -15.16 -8.24 4.40
C PRO A 216 -16.10 -7.70 3.34
N ASN A 217 -17.28 -8.30 3.24
CA ASN A 217 -18.29 -7.87 2.27
C ASN A 217 -17.91 -8.19 0.82
N SER A 218 -16.97 -9.13 0.59
CA SER A 218 -16.61 -9.51 -0.79
C SER A 218 -17.77 -10.15 -1.56
N ASP A 219 -18.82 -10.61 -0.83
CA ASP A 219 -20.05 -11.14 -1.40
C ASP A 219 -20.98 -10.04 -1.93
N LEU A 220 -20.66 -8.77 -1.70
CA LEU A 220 -21.47 -7.67 -2.17
C LEU A 220 -20.84 -6.99 -3.36
N HIS A 221 -21.66 -6.34 -4.18
CA HIS A 221 -21.19 -5.56 -5.31
C HIS A 221 -20.47 -4.32 -4.74
N PRO A 222 -19.30 -3.99 -5.27
CA PRO A 222 -18.55 -2.84 -4.74
C PRO A 222 -19.35 -1.55 -4.57
N MET A 223 -20.28 -1.24 -5.50
CA MET A 223 -21.08 -0.03 -5.40
C MET A 223 -22.13 -0.10 -4.27
N ARG A 224 -22.59 -1.30 -3.95
CA ARG A 224 -23.48 -1.51 -2.81
C ARG A 224 -22.68 -1.34 -1.50
N VAL A 225 -21.44 -1.82 -1.47
CA VAL A 225 -20.60 -1.69 -0.28
C VAL A 225 -20.29 -0.19 -0.02
N LEU A 226 -20.10 0.64 -1.10
CA LEU A 226 -19.88 2.07 -0.90
C LEU A 226 -21.10 2.73 -0.21
N PHE A 227 -22.31 2.35 -0.63
CA PHE A 227 -23.55 2.89 -0.12
C PHE A 227 -23.78 2.47 1.34
N LEU A 228 -23.47 1.22 1.66
CA LEU A 228 -23.70 0.64 2.99
C LEU A 228 -22.65 0.93 4.06
N ILE A 229 -21.35 1.04 3.70
CA ILE A 229 -20.28 1.28 4.70
C ILE A 229 -20.61 2.40 5.72
N PRO A 230 -21.02 3.61 5.30
CA PRO A 230 -21.27 4.67 6.28
C PRO A 230 -22.56 4.49 7.09
N LYS A 231 -23.50 3.67 6.60
CA LYS A 231 -24.80 3.51 7.25
C LYS A 231 -24.84 2.34 8.21
N ASN A 232 -24.12 1.27 7.90
CA ASN A 232 -24.17 0.06 8.71
C ASN A 232 -23.09 0.00 9.77
N SER A 233 -23.23 -0.98 10.68
CA SER A 233 -22.23 -1.32 11.69
C SER A 233 -20.97 -1.76 10.94
N PRO A 234 -19.80 -1.51 11.52
CA PRO A 234 -18.57 -1.85 10.82
C PRO A 234 -18.40 -3.34 10.72
N PRO A 235 -17.59 -3.79 9.75
CA PRO A 235 -17.30 -5.22 9.65
C PRO A 235 -16.56 -5.70 10.91
N THR A 236 -16.63 -7.01 11.17
CA THR A 236 -15.95 -7.64 12.29
C THR A 236 -15.13 -8.84 11.78
N LEU A 237 -14.18 -9.32 12.59
CA LEU A 237 -13.43 -10.51 12.25
C LEU A 237 -14.20 -11.72 12.82
N GLU A 238 -14.92 -12.44 11.97
CA GLU A 238 -15.71 -13.60 12.43
C GLU A 238 -14.98 -14.93 12.22
N GLY A 239 -15.28 -15.91 13.07
CA GLY A 239 -14.69 -17.24 12.94
C GLY A 239 -13.61 -17.60 13.92
N GLN A 240 -12.80 -18.61 13.53
CA GLN A 240 -11.73 -19.17 14.34
C GLN A 240 -10.47 -18.32 14.37
N HIS A 241 -10.53 -17.24 15.12
CA HIS A 241 -9.40 -16.32 15.29
C HIS A 241 -9.33 -15.93 16.75
N SER A 242 -8.12 -15.65 17.24
CA SER A 242 -7.93 -15.30 18.65
C SER A 242 -8.63 -14.01 19.05
N LYS A 243 -8.95 -13.89 20.34
CA LYS A 243 -9.59 -12.69 20.87
C LYS A 243 -8.74 -11.43 20.68
N PRO A 244 -7.39 -11.44 20.94
CA PRO A 244 -6.61 -10.20 20.71
C PRO A 244 -6.63 -9.74 19.25
N PHE A 245 -6.78 -10.67 18.28
CA PHE A 245 -6.85 -10.35 16.86
C PHE A 245 -8.19 -9.71 16.56
N LYS A 246 -9.27 -10.31 17.07
CA LYS A 246 -10.61 -9.74 16.93
C LYS A 246 -10.67 -8.34 17.54
N GLU A 247 -10.01 -8.13 18.67
CA GLU A 247 -9.94 -6.84 19.35
C GLU A 247 -9.16 -5.81 18.55
N PHE A 248 -8.08 -6.23 17.86
CA PHE A 248 -7.25 -5.35 17.03
C PHE A 248 -8.14 -4.84 15.89
N VAL A 249 -8.89 -5.73 15.26
CA VAL A 249 -9.82 -5.40 14.17
C VAL A 249 -10.94 -4.47 14.66
N GLU A 250 -11.51 -4.76 15.83
CA GLU A 250 -12.54 -3.87 16.40
C GLU A 250 -12.00 -2.48 16.66
N ALA A 251 -10.77 -2.36 17.18
CA ALA A 251 -10.19 -1.05 17.48
C ALA A 251 -10.06 -0.20 16.19
N CYS A 252 -9.57 -0.83 15.11
CA CYS A 252 -9.37 -0.19 13.81
C CYS A 252 -10.68 0.20 13.20
N LEU A 253 -11.65 -0.69 13.27
CA LEU A 253 -12.93 -0.51 12.63
C LEU A 253 -14.01 0.07 13.55
N ASN A 254 -13.80 1.31 14.02
CA ASN A 254 -14.85 2.03 14.72
C ASN A 254 -15.40 3.00 13.68
N LYS A 255 -16.74 3.18 13.58
CA LYS A 255 -17.33 4.13 12.64
C LYS A 255 -16.86 5.58 12.98
N ASP A 256 -16.66 5.86 14.29
CA ASP A 256 -16.28 7.19 14.72
C ASP A 256 -14.75 7.21 14.72
N PRO A 257 -14.15 7.99 13.80
CA PRO A 257 -12.66 8.00 13.70
C PRO A 257 -11.96 8.44 14.99
N ARG A 258 -12.64 9.17 15.87
CA ARG A 258 -12.08 9.60 17.15
C ARG A 258 -11.66 8.43 18.01
N PHE A 259 -12.34 7.27 17.88
CA PHE A 259 -12.08 6.06 18.66
C PHE A 259 -11.03 5.14 18.04
N ARG A 260 -10.71 5.33 16.73
CA ARG A 260 -9.68 4.46 16.11
C ARG A 260 -8.32 4.89 16.71
N PRO A 261 -7.50 3.98 17.22
CA PRO A 261 -6.20 4.42 17.77
C PRO A 261 -5.22 4.86 16.66
N THR A 262 -4.17 5.62 17.04
CA THR A 262 -3.16 6.02 16.07
C THR A 262 -2.27 4.80 15.76
N ALA A 263 -1.44 4.86 14.68
CA ALA A 263 -0.55 3.73 14.35
C ALA A 263 0.43 3.49 15.51
N LYS A 264 0.93 4.57 16.11
CA LYS A 264 1.85 4.52 17.25
C LYS A 264 1.24 3.74 18.42
N GLU A 265 -0.07 3.96 18.70
CA GLU A 265 -0.81 3.28 19.77
C GLU A 265 -1.07 1.82 19.41
N LEU A 266 -1.34 1.55 18.12
CA LEU A 266 -1.58 0.19 17.65
C LEU A 266 -0.36 -0.70 17.71
N LEU A 267 0.85 -0.13 17.65
CA LEU A 267 2.08 -0.93 17.75
C LEU A 267 2.22 -1.59 19.16
N LYS A 268 1.56 -1.03 20.18
CA LYS A 268 1.56 -1.59 21.54
C LYS A 268 0.36 -2.54 21.78
N HIS A 269 -0.50 -2.79 20.79
CA HIS A 269 -1.68 -3.64 20.97
C HIS A 269 -1.30 -5.07 21.30
N LYS A 270 -2.10 -5.74 22.14
CA LYS A 270 -1.83 -7.12 22.56
C LYS A 270 -1.61 -8.06 21.37
N PHE A 271 -2.37 -7.89 20.28
CA PHE A 271 -2.22 -8.74 19.11
C PHE A 271 -0.84 -8.57 18.49
N ILE A 272 -0.32 -7.32 18.45
CA ILE A 272 1.01 -7.08 17.89
C ILE A 272 2.12 -7.63 18.82
N THR A 273 2.16 -7.18 20.08
CA THR A 273 3.21 -7.62 21.01
C THR A 273 3.22 -9.13 21.29
N ARG A 274 2.07 -9.80 21.18
CA ARG A 274 1.96 -11.23 21.47
C ARG A 274 2.30 -12.15 20.30
N TYR A 275 1.91 -11.79 19.06
CA TYR A 275 2.15 -12.70 17.93
C TYR A 275 3.27 -12.27 16.97
N THR A 276 3.90 -11.10 17.19
CA THR A 276 4.98 -10.69 16.27
C THR A 276 6.28 -11.42 16.50
N LYS A 277 7.01 -11.64 15.41
CA LYS A 277 8.34 -12.25 15.37
C LYS A 277 9.24 -11.40 14.44
N LYS A 278 10.51 -11.78 14.20
CA LYS A 278 11.39 -11.01 13.31
C LYS A 278 10.82 -11.00 11.89
N THR A 279 10.93 -9.84 11.19
CA THR A 279 10.46 -9.69 9.80
C THR A 279 11.07 -10.74 8.89
N SER A 280 12.34 -11.13 9.17
CA SER A 280 13.10 -12.16 8.45
C SER A 280 12.36 -13.51 8.41
N PHE A 281 11.43 -13.77 9.36
CA PHE A 281 10.67 -15.01 9.33
C PHE A 281 9.54 -15.00 8.26
N LEU A 282 9.23 -13.82 7.69
CA LEU A 282 8.26 -13.74 6.60
C LEU A 282 8.73 -14.46 5.33
N THR A 283 10.06 -14.73 5.19
CA THR A 283 10.57 -15.47 4.04
C THR A 283 9.93 -16.85 3.93
N GLU A 284 9.34 -17.38 5.02
CA GLU A 284 8.64 -18.66 5.01
C GLU A 284 7.39 -18.60 4.13
N LEU A 285 6.76 -17.42 4.01
CA LEU A 285 5.60 -17.18 3.15
C LEU A 285 6.03 -17.14 1.67
N ILE A 286 7.24 -16.62 1.39
CA ILE A 286 7.81 -16.58 0.04
C ILE A 286 8.15 -18.02 -0.36
N ASP A 287 8.75 -18.79 0.57
CA ASP A 287 9.10 -20.20 0.37
C ASP A 287 7.85 -21.00 0.06
N ARG A 288 6.77 -20.76 0.80
CA ARG A 288 5.50 -21.46 0.60
C ARG A 288 4.93 -21.13 -0.76
N TYR A 289 4.99 -19.85 -1.18
CA TYR A 289 4.52 -19.46 -2.50
C TYR A 289 5.31 -20.19 -3.61
N LYS A 290 6.65 -20.27 -3.49
CA LYS A 290 7.49 -20.91 -4.49
C LYS A 290 7.12 -22.38 -4.65
N ARG A 291 7.01 -23.12 -3.53
CA ARG A 291 6.58 -24.52 -3.53
C ARG A 291 5.19 -24.66 -4.15
N TRP A 292 4.24 -23.77 -3.78
CA TRP A 292 2.88 -23.73 -4.29
C TRP A 292 2.82 -23.58 -5.81
N LYS A 293 3.62 -22.65 -6.36
CA LYS A 293 3.67 -22.42 -7.80
C LYS A 293 4.41 -23.55 -8.53
N SER A 294 5.39 -24.19 -7.87
CA SER A 294 6.13 -25.30 -8.47
C SER A 294 5.32 -26.61 -8.46
N GLU A 295 4.33 -26.74 -7.55
CA GLU A 295 3.49 -27.94 -7.48
C GLU A 295 2.13 -27.71 -8.15
N1 IB5 B . 8.68 -2.98 -6.51
C7 IB5 B . 5.35 -10.42 -7.83
C8 IB5 B . 5.37 -9.04 -7.65
N2 IB5 B . 8.89 -4.32 -6.48
C9 IB5 B . 4.86 -13.59 -5.92
O1 IB5 B . 5.34 -13.25 -8.73
C1 IB5 B . 7.73 -4.82 -6.90
C5 IB5 B . 7.74 -10.48 -7.67
C6 IB5 B . 6.53 -11.12 -7.85
N3 IB5 B . 7.61 -6.22 -7.00
C4 IB5 B . 7.76 -9.11 -7.49
C3 IB5 B . 6.58 -8.37 -7.50
O3 IB5 B . 5.51 -6.29 -7.91
C2 IB5 B . 6.51 -6.88 -7.48
N4 IB5 B . 6.23 -13.42 -6.44
S1 IB5 B . 6.49 -12.87 -7.97
C10 IB5 B . 5.10 -13.97 -4.46
C11 IB5 B . 6.61 -14.45 -4.38
C12 IB5 B . 7.18 -14.33 -5.79
O2 IB5 B . 7.79 -13.32 -8.35
C13 IB5 B . 6.80 -3.83 -7.19
C14 IB5 B . 7.44 -2.65 -6.92
C15 IB5 B . 6.95 -1.21 -7.00
C16 IB5 B . 5.44 -1.18 -6.70
C17 IB5 B . 7.66 -0.33 -5.97
C18 IB5 B . 7.18 -0.64 -8.40
C1 EDO C . -20.87 -2.37 4.89
O1 EDO C . -20.01 -2.56 6.01
C2 EDO C . -21.85 -3.56 4.70
O2 EDO C . -22.77 -3.65 5.79
H11 EDO C . -21.41 -1.42 4.94
H12 EDO C . -20.19 -2.29 4.04
HO1 EDO C . -20.28 -3.41 6.45
H21 EDO C . -22.49 -3.39 3.83
H22 EDO C . -21.32 -4.49 4.53
HO2 EDO C . -23.44 -4.36 5.56
#